data_6QTT
#
_entry.id   6QTT
#
_cell.length_a   48.570
_cell.length_b   55.163
_cell.length_c   102.822
_cell.angle_alpha   90.000
_cell.angle_beta   90.000
_cell.angle_gamma   90.000
#
_symmetry.space_group_name_H-M   'P 21 21 21'
#
loop_
_entity.id
_entity.type
_entity.pdbx_description
1 polymer 'E3 ubiquitin-protein ligase COP1'
2 polymer 'Transcription factor HY5-like'
3 non-polymer 'MALONATE ION'
4 non-polymer GLYCEROL
5 water water
#
loop_
_entity_poly.entity_id
_entity_poly.type
_entity_poly.pdbx_seq_one_letter_code
_entity_poly.pdbx_strand_id
1 'polypeptide(L)'
;GAMTFTRYSRLRVIAEIRHGDIFHSANIVSSIEFDRDDELFATAGVSRCIKVFDFSSVVNEPADMQCPIVEMSTRSKLSC
LSWNKHEKNHIASSDYEGIVTVWDVTTRQSLMEYEEHEKRAWSVDFSRTEPSMLVSGSDDCKVKVWCTRQEASVINIDMK
ANIC(CSO)VKYNPGSSNYIAVGSADHHIHYYDLRNISQPLHVFSGHKKAVSYVKFLSNNELASASTDSTLRLWDVKDNL
PVRTFRGHTNEKNFVGLTVNSEYLACGSETNEVYVYHKEITRPVTSHRFGSPDMDDAEEEAGSYFISAVCWKSDSPTMLT
ANSQGTIKVLVLAA
;
A
2 'polypeptide(L)' (ACE)ELLMVPDMY B
#
loop_
_chem_comp.id
_chem_comp.type
_chem_comp.name
_chem_comp.formula
ACE non-polymer 'ACETYL GROUP' 'C2 H4 O'
GOL non-polymer GLYCEROL 'C3 H8 O3'
MLI non-polymer 'MALONATE ION' 'C3 H2 O4 -2'
#
# COMPACT_ATOMS: atom_id res chain seq x y z
N ALA A 2 -17.28 -5.43 20.77
CA ALA A 2 -17.23 -4.59 19.57
C ALA A 2 -17.94 -3.27 19.82
N MET A 3 -19.03 -3.33 20.60
CA MET A 3 -19.82 -2.13 20.87
C MET A 3 -19.00 -1.08 21.61
N THR A 4 -18.05 -1.50 22.44
CA THR A 4 -17.16 -0.54 23.09
C THR A 4 -16.29 0.19 22.07
N PHE A 5 -15.85 -0.51 21.04
CA PHE A 5 -14.82 0.04 20.15
C PHE A 5 -15.38 0.64 18.87
N THR A 6 -16.49 0.14 18.34
CA THR A 6 -16.94 0.57 17.02
C THR A 6 -18.42 0.93 17.03
N ARG A 7 -18.73 1.93 16.18
CA ARG A 7 -20.06 2.48 15.98
C ARG A 7 -20.61 2.19 14.59
N TYR A 8 -20.03 1.23 13.86
CA TYR A 8 -20.33 1.02 12.45
C TYR A 8 -20.77 -0.41 12.17
N SER A 9 -21.64 -0.56 11.19
CA SER A 9 -22.08 -1.89 10.79
C SER A 9 -22.05 -2.13 9.29
N ARG A 10 -21.74 -1.12 8.47
CA ARG A 10 -21.84 -1.28 7.03
C ARG A 10 -20.92 -0.28 6.37
N LEU A 11 -20.70 -0.49 5.07
CA LEU A 11 -20.02 0.47 4.21
C LEU A 11 -21.01 1.00 3.19
N ARG A 12 -21.13 2.32 3.11
CA ARG A 12 -22.01 2.95 2.13
C ARG A 12 -21.18 3.35 0.91
N VAL A 13 -21.72 3.13 -0.29
CA VAL A 13 -21.11 3.62 -1.52
C VAL A 13 -21.55 5.06 -1.72
N ILE A 14 -20.60 6.00 -1.76
CA ILE A 14 -20.96 7.38 -2.01
C ILE A 14 -20.50 7.89 -3.36
N ALA A 15 -19.69 7.12 -4.10
CA ALA A 15 -19.34 7.48 -5.47
C ALA A 15 -18.74 6.25 -6.15
N GLU A 16 -18.81 6.24 -7.49
CA GLU A 16 -18.32 5.13 -8.28
C GLU A 16 -17.81 5.68 -9.61
N ILE A 17 -16.60 5.27 -9.98
CA ILE A 17 -16.01 5.58 -11.28
C ILE A 17 -15.85 4.27 -12.04
N ARG A 18 -16.47 4.18 -13.23
CA ARG A 18 -16.38 2.96 -14.03
C ARG A 18 -15.62 3.22 -15.31
N ASN A 27 -6.66 -3.01 -17.03
CA ASN A 27 -7.85 -3.15 -16.21
C ASN A 27 -7.52 -2.98 -14.70
N ILE A 28 -6.74 -3.90 -14.15
CA ILE A 28 -6.53 -3.97 -12.71
C ILE A 28 -5.90 -2.69 -12.19
N VAL A 29 -6.44 -2.17 -11.10
CA VAL A 29 -5.84 -1.05 -10.37
C VAL A 29 -4.99 -1.63 -9.25
N SER A 30 -3.67 -1.47 -9.38
CA SER A 30 -2.72 -1.97 -8.40
C SER A 30 -2.55 -1.07 -7.20
N SER A 31 -2.89 0.20 -7.32
CA SER A 31 -2.59 1.15 -6.27
C SER A 31 -3.55 2.33 -6.37
N ILE A 32 -4.03 2.80 -5.22
CA ILE A 32 -4.90 3.98 -5.12
C ILE A 32 -4.48 4.71 -3.87
N GLU A 33 -4.14 6.00 -4.00
CA GLU A 33 -3.50 6.73 -2.92
C GLU A 33 -3.93 8.19 -2.93
N PHE A 34 -4.20 8.74 -1.73
CA PHE A 34 -4.44 10.16 -1.54
C PHE A 34 -3.13 10.94 -1.48
N ASP A 35 -3.16 12.18 -1.98
CA ASP A 35 -2.05 13.09 -1.81
C ASP A 35 -1.98 13.58 -0.37
N ARG A 36 -1.02 14.50 -0.12
CA ARG A 36 -0.66 14.92 1.23
C ARG A 36 -1.84 15.49 2.00
N ASP A 37 -2.78 16.14 1.31
CA ASP A 37 -3.89 16.82 1.93
C ASP A 37 -5.22 16.08 1.78
N ASP A 38 -5.18 14.85 1.27
CA ASP A 38 -6.40 14.10 0.96
C ASP A 38 -7.33 14.89 0.02
N GLU A 39 -6.74 15.65 -0.90
CA GLU A 39 -7.49 16.44 -1.88
CA GLU A 39 -7.50 16.44 -1.87
C GLU A 39 -7.59 15.75 -3.23
N LEU A 40 -6.47 15.27 -3.73
CA LEU A 40 -6.41 14.48 -4.94
C LEU A 40 -6.11 13.03 -4.56
N PHE A 41 -6.47 12.13 -5.46
CA PHE A 41 -6.01 10.75 -5.34
C PHE A 41 -5.55 10.28 -6.71
N ALA A 42 -4.70 9.26 -6.72
CA ALA A 42 -4.17 8.73 -7.97
C ALA A 42 -4.35 7.23 -8.01
N THR A 43 -4.47 6.71 -9.23
CA THR A 43 -4.61 5.29 -9.48
C THR A 43 -3.56 4.87 -10.48
N ALA A 44 -3.16 3.61 -10.40
CA ALA A 44 -2.26 3.07 -11.42
C ALA A 44 -2.35 1.55 -11.41
N GLY A 45 -1.90 0.95 -12.51
CA GLY A 45 -1.88 -0.49 -12.60
C GLY A 45 -1.40 -1.00 -13.94
N VAL A 46 -2.07 -2.02 -14.45
CA VAL A 46 -1.58 -2.70 -15.65
C VAL A 46 -1.80 -1.90 -16.93
N SER A 47 -2.63 -0.87 -16.90
CA SER A 47 -2.87 -0.11 -18.12
C SER A 47 -1.78 0.91 -18.42
N ARG A 48 -0.72 0.98 -17.61
CA ARG A 48 0.44 1.83 -17.88
C ARG A 48 0.07 3.30 -17.90
N CYS A 49 -0.76 3.70 -16.95
CA CYS A 49 -1.24 5.07 -16.91
C CYS A 49 -1.47 5.43 -15.45
N ILE A 50 -0.85 6.51 -14.99
CA ILE A 50 -1.15 7.08 -13.69
C ILE A 50 -2.22 8.15 -13.88
N LYS A 51 -3.38 7.96 -13.25
CA LYS A 51 -4.49 8.89 -13.35
C LYS A 51 -4.69 9.60 -12.03
N VAL A 52 -4.88 10.93 -12.07
CA VAL A 52 -5.09 11.74 -10.88
C VAL A 52 -6.50 12.32 -10.94
N PHE A 53 -7.23 12.20 -9.83
CA PHE A 53 -8.60 12.65 -9.68
C PHE A 53 -8.71 13.64 -8.52
N ASP A 54 -9.70 14.54 -8.60
CA ASP A 54 -10.04 15.42 -7.50
C ASP A 54 -11.11 14.75 -6.66
N PHE A 55 -10.81 14.47 -5.39
CA PHE A 55 -11.75 13.70 -4.56
C PHE A 55 -13.12 14.38 -4.47
N SER A 56 -13.15 15.67 -4.16
CA SER A 56 -14.41 16.38 -4.00
CA SER A 56 -14.44 16.32 -3.98
C SER A 56 -15.25 16.34 -5.28
N SER A 57 -14.59 16.44 -6.43
CA SER A 57 -15.32 16.36 -7.69
C SER A 57 -15.93 14.98 -7.89
N VAL A 58 -15.17 13.94 -7.56
CA VAL A 58 -15.67 12.57 -7.69
C VAL A 58 -16.90 12.38 -6.82
N VAL A 59 -16.88 12.90 -5.60
CA VAL A 59 -17.98 12.67 -4.68
CA VAL A 59 -17.98 12.72 -4.65
C VAL A 59 -19.21 13.48 -5.12
N ASN A 60 -19.02 14.69 -5.65
CA ASN A 60 -20.15 15.55 -5.95
C ASN A 60 -20.77 15.34 -7.34
N GLU A 61 -20.05 14.76 -8.29
CA GLU A 61 -20.45 14.83 -9.70
C GLU A 61 -21.10 13.52 -10.15
N PRO A 62 -21.75 13.53 -11.34
CA PRO A 62 -22.25 12.32 -12.01
C PRO A 62 -21.15 11.33 -12.37
N GLN A 66 -16.96 11.86 -14.71
CA GLN A 66 -15.82 11.44 -13.91
C GLN A 66 -14.56 11.33 -14.78
N CYS A 67 -13.77 12.40 -14.84
CA CYS A 67 -12.58 12.41 -15.68
CA CYS A 67 -12.59 12.48 -15.70
C CYS A 67 -11.36 12.81 -14.87
N PRO A 68 -10.21 12.17 -15.09
CA PRO A 68 -9.00 12.56 -14.35
C PRO A 68 -8.55 13.95 -14.77
N ILE A 69 -7.93 14.66 -13.80
CA ILE A 69 -7.35 15.96 -14.12
C ILE A 69 -5.94 15.85 -14.69
N VAL A 70 -5.28 14.71 -14.50
CA VAL A 70 -3.96 14.46 -15.08
C VAL A 70 -3.90 12.97 -15.43
N GLU A 71 -3.24 12.67 -16.54
CA GLU A 71 -2.90 11.28 -16.89
C GLU A 71 -1.46 11.26 -17.39
N MET A 72 -0.68 10.30 -16.90
CA MET A 72 0.72 10.14 -17.28
C MET A 72 0.93 8.71 -17.75
N SER A 73 1.29 8.55 -19.03
CA SER A 73 1.61 7.24 -19.62
C SER A 73 2.98 6.77 -19.15
N THR A 74 3.12 5.45 -18.97
CA THR A 74 4.36 4.90 -18.44
C THR A 74 4.94 3.81 -19.34
N ARG A 75 6.22 3.50 -19.10
CA ARG A 75 6.94 2.52 -19.90
C ARG A 75 6.52 1.10 -19.56
N SER A 76 6.05 0.86 -18.34
CA SER A 76 5.79 -0.48 -17.87
CA SER A 76 5.82 -0.48 -17.83
C SER A 76 4.57 -0.46 -16.95
N LYS A 77 4.01 -1.65 -16.71
CA LYS A 77 2.90 -1.79 -15.79
C LYS A 77 3.35 -1.33 -14.41
N LEU A 78 2.42 -0.74 -13.68
CA LEU A 78 2.70 -0.15 -12.39
C LEU A 78 2.23 -1.06 -11.27
N SER A 79 3.05 -1.15 -10.23
CA SER A 79 2.72 -1.93 -9.04
CA SER A 79 2.70 -1.93 -9.05
C SER A 79 2.30 -1.09 -7.84
N CYS A 80 2.77 0.15 -7.72
CA CYS A 80 2.56 0.86 -6.48
C CYS A 80 2.77 2.35 -6.70
N LEU A 81 2.07 3.16 -5.90
CA LEU A 81 2.22 4.60 -5.90
C LEU A 81 2.48 5.07 -4.47
N SER A 82 3.18 6.20 -4.34
CA SER A 82 3.34 6.86 -3.03
C SER A 82 3.50 8.35 -3.25
N TRP A 83 2.56 9.14 -2.72
CA TRP A 83 2.70 10.58 -2.83
C TRP A 83 3.73 11.11 -1.82
N ASN A 84 4.38 12.19 -2.21
CA ASN A 84 5.32 12.86 -1.33
C ASN A 84 4.55 13.55 -0.22
N LYS A 85 5.12 13.54 0.98
CA LYS A 85 4.42 14.07 2.12
C LYS A 85 4.67 15.54 2.34
N HIS A 86 5.58 16.13 1.59
CA HIS A 86 5.93 17.54 1.69
C HIS A 86 5.65 18.29 0.40
N GLU A 87 6.16 17.78 -0.73
CA GLU A 87 5.92 18.33 -2.07
C GLU A 87 4.57 17.83 -2.55
N LYS A 88 3.57 18.69 -2.46
CA LYS A 88 2.19 18.32 -2.77
C LYS A 88 2.07 17.60 -4.12
N ASN A 89 2.82 18.05 -5.11
CA ASN A 89 2.61 17.65 -6.48
C ASN A 89 3.46 16.47 -6.92
N HIS A 90 4.24 15.87 -6.02
CA HIS A 90 5.16 14.80 -6.40
C HIS A 90 4.64 13.43 -5.94
N ILE A 91 4.77 12.44 -6.83
CA ILE A 91 4.29 11.08 -6.59
C ILE A 91 5.33 10.10 -7.16
N ALA A 92 5.63 9.06 -6.40
CA ALA A 92 6.51 8.00 -6.85
C ALA A 92 5.70 6.81 -7.33
N SER A 93 6.26 6.10 -8.30
CA SER A 93 5.73 4.86 -8.79
C SER A 93 6.83 3.81 -8.88
N SER A 94 6.43 2.56 -8.72
CA SER A 94 7.25 1.40 -9.01
C SER A 94 6.62 0.60 -10.15
N ASP A 95 7.47 0.03 -11.02
CA ASP A 95 6.94 -0.64 -12.19
C ASP A 95 7.58 -2.00 -12.41
N TYR A 96 6.99 -2.74 -13.36
CA TYR A 96 7.32 -4.14 -13.60
C TYR A 96 8.68 -4.33 -14.25
N GLU A 97 9.31 -3.27 -14.75
CA GLU A 97 10.68 -3.30 -15.21
C GLU A 97 11.69 -3.05 -14.09
N GLY A 98 11.22 -2.75 -12.89
CA GLY A 98 12.06 -2.40 -11.79
C GLY A 98 12.29 -0.92 -11.59
N ILE A 99 11.73 -0.06 -12.45
CA ILE A 99 12.03 1.36 -12.40
CA ILE A 99 12.04 1.35 -12.39
C ILE A 99 11.19 2.01 -11.32
N VAL A 100 11.83 2.87 -10.54
CA VAL A 100 11.17 3.69 -9.52
C VAL A 100 11.27 5.12 -10.03
N THR A 101 10.11 5.74 -10.27
CA THR A 101 10.02 7.05 -10.92
C THR A 101 9.36 8.02 -9.97
N VAL A 102 9.92 9.23 -9.86
CA VAL A 102 9.28 10.34 -9.16
C VAL A 102 8.73 11.28 -10.22
N TRP A 103 7.43 11.53 -10.16
CA TRP A 103 6.72 12.36 -11.11
C TRP A 103 6.24 13.67 -10.48
N ASP A 104 6.12 14.70 -11.31
CA ASP A 104 5.43 15.93 -10.91
C ASP A 104 4.11 15.97 -11.66
N VAL A 105 3.01 15.92 -10.91
CA VAL A 105 1.69 15.80 -11.56
C VAL A 105 1.22 17.11 -12.18
N THR A 106 1.88 18.23 -11.86
CA THR A 106 1.54 19.47 -12.56
C THR A 106 2.24 19.57 -13.91
N THR A 107 3.53 19.19 -14.01
CA THR A 107 4.24 19.32 -15.27
C THR A 107 4.15 18.07 -16.10
N ARG A 108 3.71 16.96 -15.50
CA ARG A 108 3.65 15.62 -16.08
C ARG A 108 5.03 15.01 -16.29
N GLN A 109 6.10 15.64 -15.82
CA GLN A 109 7.43 15.14 -16.12
C GLN A 109 7.88 14.13 -15.07
N SER A 110 8.69 13.18 -15.53
CA SER A 110 9.41 12.32 -14.60
C SER A 110 10.61 13.13 -14.12
N LEU A 111 10.68 13.34 -12.81
CA LEU A 111 11.77 14.09 -12.19
C LEU A 111 13.00 13.21 -11.93
N MET A 112 12.76 11.97 -11.52
CA MET A 112 13.82 11.00 -11.29
C MET A 112 13.36 9.65 -11.85
N GLU A 113 14.29 8.93 -12.47
CA GLU A 113 14.07 7.57 -12.92
C GLU A 113 15.19 6.73 -12.36
N TYR A 114 14.89 5.96 -11.31
CA TYR A 114 15.86 5.13 -10.63
C TYR A 114 15.80 3.72 -11.20
N GLU A 115 16.92 3.23 -11.75
CA GLU A 115 16.88 2.06 -12.62
C GLU A 115 17.79 0.94 -12.15
N GLU A 116 18.18 0.93 -10.88
CA GLU A 116 19.12 -0.07 -10.39
C GLU A 116 18.48 -1.45 -10.19
N HIS A 117 17.20 -1.51 -9.84
CA HIS A 117 16.59 -2.82 -9.64
C HIS A 117 16.66 -3.60 -10.95
N GLU A 118 16.92 -4.91 -10.84
CA GLU A 118 17.04 -5.76 -12.01
C GLU A 118 15.76 -6.48 -12.39
N LYS A 119 14.77 -6.46 -11.52
CA LYS A 119 13.49 -7.10 -11.79
CA LYS A 119 13.49 -7.09 -11.79
C LYS A 119 12.40 -6.18 -11.27
N ARG A 120 11.16 -6.53 -11.59
CA ARG A 120 9.95 -5.87 -11.09
C ARG A 120 10.10 -5.37 -9.67
N ALA A 121 9.77 -4.11 -9.47
CA ALA A 121 9.66 -3.51 -8.15
C ALA A 121 8.18 -3.54 -7.78
N TRP A 122 7.89 -4.11 -6.61
CA TRP A 122 6.52 -4.30 -6.18
C TRP A 122 5.99 -3.14 -5.36
N SER A 123 6.86 -2.32 -4.78
CA SER A 123 6.43 -1.38 -3.76
CA SER A 123 6.40 -1.34 -3.81
C SER A 123 7.39 -0.19 -3.72
N VAL A 124 6.83 0.97 -3.40
CA VAL A 124 7.61 2.19 -3.16
C VAL A 124 6.89 2.95 -2.06
N ASP A 125 7.67 3.63 -1.22
CA ASP A 125 7.10 4.45 -0.15
C ASP A 125 7.96 5.68 0.11
N PHE A 126 7.33 6.86 0.07
CA PHE A 126 7.96 8.11 0.48
C PHE A 126 7.88 8.29 2.00
N SER A 127 9.01 8.61 2.63
CA SER A 127 9.04 8.88 4.06
C SER A 127 8.20 10.10 4.43
N ARG A 128 7.48 10.00 5.54
CA ARG A 128 6.72 11.12 6.06
C ARG A 128 7.62 12.15 6.75
N THR A 129 8.67 11.71 7.43
CA THR A 129 9.44 12.63 8.27
C THR A 129 10.72 13.10 7.63
N GLU A 130 11.24 12.39 6.64
CA GLU A 130 12.35 12.89 5.82
C GLU A 130 11.87 12.78 4.37
N PRO A 131 11.15 13.78 3.88
CA PRO A 131 10.30 13.56 2.71
C PRO A 131 11.04 13.44 1.39
N SER A 132 12.33 13.72 1.34
CA SER A 132 13.13 13.45 0.15
CA SER A 132 13.11 13.44 0.15
C SER A 132 13.55 11.98 0.06
N MET A 133 13.26 11.18 1.07
CA MET A 133 13.65 9.77 1.09
C MET A 133 12.52 8.87 0.66
N LEU A 134 12.85 7.87 -0.13
CA LEU A 134 11.89 6.88 -0.58
C LEU A 134 12.57 5.53 -0.64
N VAL A 135 11.79 4.48 -0.38
CA VAL A 135 12.31 3.12 -0.34
C VAL A 135 11.51 2.26 -1.32
N SER A 136 12.18 1.30 -1.94
CA SER A 136 11.55 0.38 -2.89
C SER A 136 12.02 -1.05 -2.61
N GLY A 137 11.18 -1.99 -2.99
CA GLY A 137 11.50 -3.41 -2.88
C GLY A 137 11.12 -4.15 -4.14
N SER A 138 11.91 -5.21 -4.43
CA SER A 138 11.85 -5.82 -5.76
C SER A 138 11.96 -7.35 -5.69
N ASP A 139 11.45 -7.95 -6.78
CA ASP A 139 11.70 -9.36 -7.06
C ASP A 139 13.19 -9.69 -7.14
N ASP A 140 14.07 -8.69 -7.31
CA ASP A 140 15.51 -8.94 -7.34
C ASP A 140 16.09 -9.15 -5.94
N CYS A 141 15.23 -9.24 -4.92
CA CYS A 141 15.61 -9.51 -3.54
C CYS A 141 16.40 -8.37 -2.90
N LYS A 142 16.28 -7.16 -3.44
CA LYS A 142 16.92 -6.00 -2.85
C LYS A 142 15.88 -5.00 -2.36
N VAL A 143 16.23 -4.35 -1.24
CA VAL A 143 15.61 -3.11 -0.80
C VAL A 143 16.57 -1.97 -1.11
N LYS A 144 16.07 -0.92 -1.76
CA LYS A 144 16.86 0.25 -2.09
C LYS A 144 16.24 1.50 -1.48
N VAL A 145 17.09 2.31 -0.86
CA VAL A 145 16.68 3.59 -0.31
C VAL A 145 17.26 4.66 -1.21
N TRP A 146 16.43 5.61 -1.58
CA TRP A 146 16.77 6.66 -2.51
C TRP A 146 16.51 8.02 -1.87
N CYS A 147 17.25 9.01 -2.34
CA CYS A 147 17.03 10.42 -2.00
C CYS A 147 16.75 11.17 -3.30
N THR A 148 15.71 12.01 -3.32
CA THR A 148 15.36 12.69 -4.57
C THR A 148 16.44 13.67 -5.06
N ARG A 149 17.44 14.00 -4.24
CA ARG A 149 18.55 14.85 -4.66
C ARG A 149 19.76 14.07 -5.18
N GLN A 150 19.69 12.74 -5.23
CA GLN A 150 20.81 11.91 -5.67
C GLN A 150 20.35 10.85 -6.65
N GLU A 151 21.13 10.65 -7.73
CA GLU A 151 20.72 9.67 -8.73
C GLU A 151 20.97 8.22 -8.32
N ALA A 152 22.01 7.95 -7.50
CA ALA A 152 22.36 6.60 -7.09
C ALA A 152 21.68 6.27 -5.75
N SER A 153 21.36 5.00 -5.55
CA SER A 153 20.79 4.61 -4.26
C SER A 153 21.72 4.97 -3.11
N VAL A 154 21.11 5.34 -1.98
CA VAL A 154 21.89 5.68 -0.81
CA VAL A 154 21.81 5.69 -0.75
C VAL A 154 22.13 4.46 0.08
N ILE A 155 21.17 3.53 0.15
CA ILE A 155 21.30 2.28 0.90
C ILE A 155 20.80 1.14 0.03
N ASN A 156 21.51 0.00 0.09
CA ASN A 156 21.11 -1.23 -0.56
CA ASN A 156 21.08 -1.23 -0.56
C ASN A 156 21.13 -2.35 0.46
N ILE A 157 20.03 -3.09 0.57
CA ILE A 157 19.94 -4.25 1.46
C ILE A 157 19.74 -5.47 0.58
N ASP A 158 20.72 -6.37 0.57
CA ASP A 158 20.59 -7.60 -0.20
CA ASP A 158 20.61 -7.60 -0.18
C ASP A 158 19.88 -8.64 0.67
N MET A 159 18.74 -9.10 0.20
CA MET A 159 17.87 -10.03 0.90
CA MET A 159 17.98 -10.07 0.96
C MET A 159 17.91 -11.39 0.21
N LYS A 160 17.35 -12.39 0.87
CA LYS A 160 17.41 -13.73 0.31
C LYS A 160 16.20 -14.09 -0.51
N ALA A 161 15.14 -13.29 -0.47
CA ALA A 161 13.88 -13.63 -1.12
C ALA A 161 13.21 -12.39 -1.69
N ASN A 162 12.27 -12.62 -2.62
CA ASN A 162 11.52 -11.54 -3.26
C ASN A 162 10.90 -10.62 -2.20
N ILE A 163 11.03 -9.31 -2.42
CA ILE A 163 10.42 -8.32 -1.54
C ILE A 163 9.12 -7.87 -2.15
N CYS A 164 8.04 -8.00 -1.39
CA CYS A 164 6.71 -7.69 -1.85
C CYS A 164 6.22 -6.31 -1.43
N CSO A 165 6.74 -5.80 -0.32
CA CSO A 165 6.26 -4.52 0.21
CA CSO A 165 6.26 -4.54 0.21
CB CSO A 165 4.91 -4.65 0.95
CB CSO A 165 4.95 -4.76 1.01
SG CSO A 165 4.31 -2.98 1.46
SG CSO A 165 5.02 -6.11 2.23
C CSO A 165 7.31 -3.91 1.11
O CSO A 165 8.04 -4.61 1.81
OD CSO A 165 2.60 -2.68 1.75
HA CSO A 165 6.08 -3.92 -0.55
HB2 CSO A 165 5.02 -5.20 1.75
HB2 CSO A 165 4.24 -4.98 0.38
HB3 CSO A 165 4.25 -5.05 0.37
HB3 CSO A 165 4.73 -3.94 1.48
HD CSO A 165 2.45 -1.75 2.04
N VAL A 166 7.40 -2.59 1.11
CA VAL A 166 8.27 -1.83 1.97
C VAL A 166 7.46 -0.65 2.51
N LYS A 167 7.70 -0.26 3.75
CA LYS A 167 7.03 0.90 4.32
C LYS A 167 7.88 1.55 5.39
N TYR A 168 8.00 2.87 5.34
CA TYR A 168 8.67 3.63 6.39
C TYR A 168 7.79 3.72 7.63
N ASN A 169 8.41 3.62 8.80
CA ASN A 169 7.79 4.01 10.05
C ASN A 169 7.30 5.45 9.94
N PRO A 170 6.10 5.76 10.44
CA PRO A 170 5.54 7.13 10.27
C PRO A 170 6.22 8.16 11.13
N GLY A 171 6.95 7.75 12.16
CA GLY A 171 7.59 8.68 13.06
C GLY A 171 9.06 8.87 12.87
N SER A 172 9.72 8.00 12.10
CA SER A 172 11.16 8.11 11.92
C SER A 172 11.59 7.45 10.62
N SER A 173 12.41 8.17 9.86
CA SER A 173 12.96 7.64 8.62
C SER A 173 14.08 6.64 8.84
N ASN A 174 14.40 6.30 10.08
CA ASN A 174 15.42 5.29 10.30
C ASN A 174 14.88 3.88 10.27
N TYR A 175 13.56 3.69 10.25
CA TYR A 175 13.03 2.33 10.32
C TYR A 175 12.13 2.02 9.13
N ILE A 176 12.30 0.83 8.59
CA ILE A 176 11.43 0.32 7.54
C ILE A 176 10.98 -1.10 7.86
N ALA A 177 9.75 -1.39 7.51
CA ALA A 177 9.21 -2.74 7.50
C ALA A 177 9.28 -3.30 6.07
N VAL A 178 9.70 -4.56 5.95
CA VAL A 178 9.90 -5.23 4.67
C VAL A 178 9.14 -6.55 4.72
N GLY A 179 8.11 -6.67 3.85
CA GLY A 179 7.37 -7.92 3.75
C GLY A 179 7.95 -8.77 2.64
N SER A 180 8.26 -10.03 2.95
CA SER A 180 9.04 -10.88 2.08
C SER A 180 8.25 -12.12 1.67
N ALA A 181 8.61 -12.63 0.49
CA ALA A 181 8.12 -13.92 0.05
C ALA A 181 8.62 -15.06 0.93
N ASP A 182 9.55 -14.80 1.84
CA ASP A 182 9.98 -15.83 2.78
C ASP A 182 9.04 -15.98 3.97
N HIS A 183 7.90 -15.29 3.96
CA HIS A 183 6.80 -15.36 4.94
C HIS A 183 7.04 -14.49 6.17
N HIS A 184 8.13 -13.74 6.22
CA HIS A 184 8.46 -12.95 7.40
C HIS A 184 8.42 -11.46 7.09
N ILE A 185 8.29 -10.67 8.15
CA ILE A 185 8.45 -9.21 8.08
C ILE A 185 9.81 -8.89 8.68
N HIS A 186 10.67 -8.27 7.90
CA HIS A 186 12.00 -7.88 8.35
C HIS A 186 11.95 -6.40 8.69
N TYR A 187 12.23 -6.04 9.95
CA TYR A 187 12.14 -4.66 10.43
C TYR A 187 13.56 -4.15 10.59
N TYR A 188 13.95 -3.18 9.76
CA TYR A 188 15.31 -2.69 9.69
C TYR A 188 15.46 -1.30 10.30
N ASP A 189 16.59 -1.10 10.97
CA ASP A 189 17.14 0.21 11.31
C ASP A 189 18.17 0.54 10.24
N LEU A 190 17.89 1.56 9.43
CA LEU A 190 18.71 1.88 8.27
C LEU A 190 20.08 2.43 8.66
N ARG A 191 20.28 2.75 9.94
CA ARG A 191 21.58 3.16 10.43
C ARG A 191 22.53 2.00 10.58
N ASN A 192 22.01 0.76 10.58
CA ASN A 192 22.85 -0.46 10.66
C ASN A 192 22.12 -1.61 9.97
N ILE A 193 22.39 -1.79 8.68
CA ILE A 193 21.65 -2.74 7.87
C ILE A 193 22.28 -4.13 7.84
N SER A 194 23.32 -4.36 8.65
CA SER A 194 23.94 -5.67 8.63
C SER A 194 23.03 -6.75 9.20
N GLN A 195 22.11 -6.38 10.08
CA GLN A 195 21.12 -7.30 10.61
C GLN A 195 19.85 -6.47 10.78
N PRO A 196 18.68 -7.05 10.56
CA PRO A 196 17.45 -6.36 10.95
C PRO A 196 17.36 -6.20 12.47
N LEU A 197 16.60 -5.19 12.90
CA LEU A 197 16.26 -5.07 14.32
C LEU A 197 15.52 -6.31 14.80
N HIS A 198 14.58 -6.79 13.99
CA HIS A 198 13.75 -7.91 14.38
C HIS A 198 13.13 -8.46 13.11
N VAL A 199 12.86 -9.75 13.12
CA VAL A 199 12.18 -10.42 12.03
C VAL A 199 10.96 -11.09 12.63
N PHE A 200 9.78 -10.67 12.17
CA PHE A 200 8.50 -11.14 12.70
C PHE A 200 8.02 -12.33 11.89
N SER A 201 7.95 -13.47 12.55
CA SER A 201 7.37 -14.67 11.97
CA SER A 201 7.39 -14.70 12.00
C SER A 201 5.97 -14.88 12.52
N GLY A 202 5.14 -15.46 11.67
CA GLY A 202 3.76 -15.80 12.00
C GLY A 202 2.93 -16.11 10.79
N HIS A 203 3.12 -15.34 9.72
CA HIS A 203 2.43 -15.64 8.49
C HIS A 203 2.92 -16.96 7.90
N LYS A 204 1.99 -17.68 7.28
CA LYS A 204 2.26 -18.99 6.71
C LYS A 204 2.50 -18.93 5.20
N LYS A 205 2.48 -17.74 4.63
CA LYS A 205 2.67 -17.50 3.21
C LYS A 205 3.36 -16.15 3.08
N ALA A 206 3.67 -15.78 1.85
CA ALA A 206 4.33 -14.50 1.59
C ALA A 206 3.56 -13.35 2.24
N VAL A 207 4.33 -12.34 2.66
CA VAL A 207 3.78 -11.10 3.22
C VAL A 207 3.66 -10.10 2.08
N SER A 208 2.43 -9.77 1.72
CA SER A 208 2.17 -8.93 0.55
C SER A 208 2.08 -7.43 0.86
N TYR A 209 1.73 -7.05 2.08
CA TYR A 209 1.67 -5.65 2.47
C TYR A 209 2.14 -5.46 3.90
N VAL A 210 2.72 -4.28 4.16
CA VAL A 210 3.00 -3.81 5.52
C VAL A 210 2.59 -2.35 5.63
N LYS A 211 1.88 -2.01 6.71
CA LYS A 211 1.38 -0.66 6.93
CA LYS A 211 1.37 -0.67 6.93
C LYS A 211 1.37 -0.38 8.42
N PHE A 212 1.71 0.85 8.79
CA PHE A 212 1.73 1.25 10.19
C PHE A 212 0.44 1.94 10.62
N LEU A 213 -0.10 1.55 11.77
CA LEU A 213 -1.20 2.29 12.38
C LEU A 213 -0.70 3.47 13.19
N SER A 214 0.53 3.37 13.68
CA SER A 214 1.13 4.37 14.54
C SER A 214 2.62 4.06 14.60
N ASN A 215 3.35 4.83 15.41
CA ASN A 215 4.78 4.63 15.50
C ASN A 215 5.15 3.21 15.92
N ASN A 216 4.33 2.60 16.78
CA ASN A 216 4.69 1.30 17.36
C ASN A 216 3.83 0.14 16.89
N GLU A 217 2.82 0.40 16.05
CA GLU A 217 1.87 -0.62 15.64
C GLU A 217 2.02 -0.86 14.15
N LEU A 218 2.39 -2.07 13.78
CA LEU A 218 2.57 -2.49 12.40
C LEU A 218 1.55 -3.55 12.03
N ALA A 219 0.91 -3.37 10.88
CA ALA A 219 0.02 -4.39 10.33
C ALA A 219 0.62 -5.00 9.07
N SER A 220 0.20 -6.24 8.80
CA SER A 220 0.63 -6.95 7.61
C SER A 220 -0.53 -7.72 7.00
N ALA A 221 -0.40 -8.00 5.70
CA ALA A 221 -1.28 -8.91 4.98
C ALA A 221 -0.46 -9.99 4.31
N SER A 222 -1.10 -11.14 4.08
CA SER A 222 -0.40 -12.31 3.57
C SER A 222 -1.37 -13.18 2.80
N THR A 223 -0.85 -13.93 1.84
CA THR A 223 -1.66 -14.90 1.11
C THR A 223 -1.92 -16.19 1.91
N ASP A 224 -1.80 -16.12 3.24
CA ASP A 224 -2.37 -17.10 4.16
C ASP A 224 -3.77 -16.70 4.64
N SER A 225 -4.39 -15.72 3.97
CA SER A 225 -5.74 -15.24 4.29
C SER A 225 -5.84 -14.65 5.69
N THR A 226 -4.77 -13.98 6.15
CA THR A 226 -4.82 -13.27 7.41
C THR A 226 -4.21 -11.89 7.27
N LEU A 227 -4.65 -11.01 8.16
CA LEU A 227 -3.91 -9.81 8.52
C LEU A 227 -3.34 -10.05 9.90
N ARG A 228 -2.21 -9.41 10.20
CA ARG A 228 -1.63 -9.56 11.53
C ARG A 228 -1.18 -8.20 12.01
N LEU A 229 -1.22 -8.04 13.34
CA LEU A 229 -0.85 -6.82 14.03
C LEU A 229 0.35 -7.13 14.90
N TRP A 230 1.31 -6.21 14.91
CA TRP A 230 2.59 -6.44 15.58
C TRP A 230 3.02 -5.19 16.34
N ASP A 231 3.77 -5.40 17.41
CA ASP A 231 4.29 -4.35 18.27
C ASP A 231 5.77 -4.23 17.95
N VAL A 232 6.18 -3.11 17.32
CA VAL A 232 7.57 -2.93 16.92
C VAL A 232 8.40 -2.15 17.93
N LYS A 233 7.82 -1.80 19.08
CA LYS A 233 8.62 -1.32 20.20
C LYS A 233 9.18 -2.49 21.00
N ASP A 234 8.33 -3.45 21.34
CA ASP A 234 8.71 -4.59 22.15
C ASP A 234 8.85 -5.88 21.35
N ASN A 235 8.60 -5.82 20.04
CA ASN A 235 8.83 -6.94 19.11
C ASN A 235 7.97 -8.15 19.46
N LEU A 236 6.66 -7.90 19.47
CA LEU A 236 5.68 -8.89 19.89
C LEU A 236 4.60 -9.08 18.83
N PRO A 237 4.10 -10.31 18.66
CA PRO A 237 2.83 -10.49 17.94
C PRO A 237 1.70 -9.95 18.80
N VAL A 238 0.70 -9.37 18.17
CA VAL A 238 -0.47 -8.84 18.89
C VAL A 238 -1.74 -9.62 18.55
N ARG A 239 -2.15 -9.64 17.29
CA ARG A 239 -3.46 -10.14 16.91
C ARG A 239 -3.43 -10.65 15.47
N THR A 240 -4.29 -11.62 15.18
CA THR A 240 -4.48 -12.12 13.83
C THR A 240 -5.93 -11.90 13.44
N PHE A 241 -6.15 -11.39 12.22
CA PHE A 241 -7.48 -11.04 11.72
C PHE A 241 -7.84 -12.00 10.59
N ARG A 242 -9.08 -12.54 10.63
CA ARG A 242 -9.54 -13.53 9.68
CA ARG A 242 -9.52 -13.50 9.65
C ARG A 242 -10.97 -13.24 9.21
N GLY A 243 -11.28 -13.67 8.00
CA GLY A 243 -12.60 -13.57 7.42
C GLY A 243 -12.60 -13.51 5.91
N HIS A 244 -11.65 -12.76 5.37
CA HIS A 244 -11.50 -12.55 3.95
C HIS A 244 -10.77 -13.72 3.30
N THR A 245 -10.84 -13.77 1.98
CA THR A 245 -10.13 -14.78 1.20
C THR A 245 -8.98 -14.14 0.44
N ASN A 246 -7.76 -14.58 0.75
CA ASN A 246 -6.59 -14.03 0.05
C ASN A 246 -5.52 -15.13 0.01
N GLU A 247 -5.56 -15.93 -1.05
CA GLU A 247 -4.64 -17.06 -1.19
C GLU A 247 -3.66 -16.90 -2.33
N LYS A 248 -3.79 -15.86 -3.16
CA LYS A 248 -2.87 -15.74 -4.29
C LYS A 248 -2.55 -14.32 -4.77
N ASN A 249 -3.50 -13.37 -4.69
CA ASN A 249 -3.35 -12.05 -5.30
C ASN A 249 -2.92 -10.97 -4.32
N PHE A 250 -2.39 -9.88 -4.88
CA PHE A 250 -2.27 -8.61 -4.15
C PHE A 250 -3.67 -8.00 -4.08
N VAL A 251 -4.30 -7.99 -2.90
CA VAL A 251 -5.68 -7.53 -2.77
C VAL A 251 -5.82 -6.21 -2.01
N GLY A 252 -4.71 -5.60 -1.58
CA GLY A 252 -4.73 -4.34 -0.88
C GLY A 252 -4.86 -4.39 0.64
N LEU A 253 -4.15 -3.49 1.31
CA LEU A 253 -4.21 -3.29 2.76
C LEU A 253 -4.07 -1.81 3.02
N THR A 254 -4.96 -1.28 3.86
CA THR A 254 -4.85 0.10 4.32
C THR A 254 -5.24 0.14 5.79
N VAL A 255 -4.54 0.95 6.58
CA VAL A 255 -4.81 1.05 7.99
C VAL A 255 -4.81 2.52 8.40
N ASN A 256 -5.50 2.80 9.50
CA ASN A 256 -5.38 4.11 10.14
C ASN A 256 -5.23 3.84 11.64
N SER A 257 -5.53 4.84 12.47
CA SER A 257 -5.19 4.68 13.88
CA SER A 257 -5.22 4.72 13.89
C SER A 257 -6.01 3.59 14.55
N GLU A 258 -7.19 3.27 14.01
CA GLU A 258 -8.10 2.31 14.64
C GLU A 258 -8.52 1.14 13.77
N TYR A 259 -8.46 1.25 12.44
CA TYR A 259 -9.09 0.29 11.55
C TYR A 259 -8.12 -0.26 10.52
N LEU A 260 -8.37 -1.50 10.12
CA LEU A 260 -7.66 -2.13 9.00
C LEU A 260 -8.69 -2.46 7.94
N ALA A 261 -8.36 -2.23 6.68
CA ALA A 261 -9.22 -2.66 5.58
C ALA A 261 -8.39 -3.42 4.58
N CYS A 262 -8.99 -4.45 3.98
CA CYS A 262 -8.27 -5.23 2.98
C CYS A 262 -9.24 -5.75 1.94
N GLY A 263 -8.67 -6.11 0.79
CA GLY A 263 -9.48 -6.71 -0.27
C GLY A 263 -9.63 -8.21 -0.06
N SER A 264 -10.31 -8.85 -1.00
CA SER A 264 -10.52 -10.28 -0.96
CA SER A 264 -10.55 -10.28 -0.96
C SER A 264 -10.73 -10.79 -2.38
N GLU A 265 -10.39 -12.05 -2.59
CA GLU A 265 -10.60 -12.70 -3.88
C GLU A 265 -12.04 -13.06 -4.11
N THR A 266 -12.93 -12.78 -3.16
CA THR A 266 -14.38 -12.86 -3.35
C THR A 266 -15.00 -11.56 -3.86
N ASN A 267 -14.17 -10.59 -4.28
CA ASN A 267 -14.64 -9.28 -4.72
C ASN A 267 -15.40 -8.56 -3.60
N GLU A 268 -14.90 -8.69 -2.37
CA GLU A 268 -15.43 -8.00 -1.20
C GLU A 268 -14.34 -7.21 -0.49
N VAL A 269 -14.68 -6.01 -0.01
CA VAL A 269 -13.81 -5.24 0.89
C VAL A 269 -14.16 -5.60 2.33
N TYR A 270 -13.15 -5.87 3.16
CA TYR A 270 -13.34 -6.18 4.57
C TYR A 270 -12.78 -5.06 5.43
N VAL A 271 -13.46 -4.78 6.54
CA VAL A 271 -12.97 -3.83 7.53
C VAL A 271 -12.91 -4.49 8.89
N TYR A 272 -11.77 -4.36 9.55
CA TYR A 272 -11.56 -4.81 10.91
C TYR A 272 -11.26 -3.62 11.83
N HIS A 273 -11.80 -3.65 13.05
CA HIS A 273 -11.26 -2.79 14.10
C HIS A 273 -10.04 -3.49 14.69
N LYS A 274 -8.98 -2.71 15.00
CA LYS A 274 -7.72 -3.35 15.39
C LYS A 274 -7.83 -4.19 16.65
N GLU A 275 -8.87 -4.01 17.46
CA GLU A 275 -9.04 -4.76 18.70
C GLU A 275 -9.86 -6.04 18.54
N ILE A 276 -10.44 -6.29 17.37
N ILE A 276 -10.41 -6.30 17.36
CA ILE A 276 -11.37 -7.38 17.15
CA ILE A 276 -11.37 -7.37 17.12
C ILE A 276 -10.90 -8.20 15.96
C ILE A 276 -10.90 -8.21 15.95
N THR A 277 -10.83 -9.54 16.14
CA THR A 277 -10.23 -10.41 15.14
C THR A 277 -11.12 -10.75 13.95
N ARG A 278 -12.43 -10.57 14.04
CA ARG A 278 -13.30 -10.84 12.90
C ARG A 278 -13.96 -9.55 12.43
N PRO A 279 -14.44 -9.50 11.18
CA PRO A 279 -14.73 -8.20 10.57
C PRO A 279 -15.86 -7.45 11.25
N VAL A 280 -15.71 -6.12 11.30
CA VAL A 280 -16.85 -5.33 11.71
CA VAL A 280 -16.79 -5.20 11.64
C VAL A 280 -17.85 -5.19 10.56
N THR A 281 -17.41 -5.21 9.29
CA THR A 281 -18.32 -5.20 8.16
C THR A 281 -17.54 -5.56 6.91
N SER A 282 -18.28 -5.76 5.83
CA SER A 282 -17.76 -6.08 4.52
C SER A 282 -18.70 -5.49 3.48
N HIS A 283 -18.17 -5.34 2.27
CA HIS A 283 -18.92 -4.79 1.15
C HIS A 283 -18.66 -5.62 -0.09
N ARG A 284 -19.73 -6.12 -0.72
CA ARG A 284 -19.62 -6.82 -1.99
C ARG A 284 -19.56 -5.80 -3.12
N PHE A 285 -18.50 -5.86 -3.93
CA PHE A 285 -18.35 -4.91 -5.01
C PHE A 285 -19.38 -5.20 -6.10
N GLY A 286 -19.69 -4.17 -6.87
CA GLY A 286 -20.62 -4.36 -7.98
C GLY A 286 -20.21 -5.43 -9.00
N SER A 287 -18.97 -5.90 -8.98
CA SER A 287 -18.52 -6.89 -9.97
C SER A 287 -18.69 -8.32 -9.45
N SER A 299 -14.33 -14.53 -10.01
CA SER A 299 -14.13 -13.84 -11.27
C SER A 299 -13.44 -12.47 -11.11
N TYR A 300 -13.70 -11.77 -10.00
CA TYR A 300 -13.05 -10.49 -9.72
C TYR A 300 -12.46 -10.49 -8.32
N PHE A 301 -11.42 -9.67 -8.14
CA PHE A 301 -10.85 -9.49 -6.81
C PHE A 301 -10.66 -8.00 -6.53
N ILE A 302 -10.80 -7.62 -5.26
CA ILE A 302 -10.39 -6.28 -4.85
C ILE A 302 -8.89 -6.18 -5.03
N SER A 303 -8.42 -5.06 -5.52
CA SER A 303 -6.99 -4.93 -5.84
C SER A 303 -6.29 -3.75 -5.21
N ALA A 304 -7.03 -2.78 -4.63
CA ALA A 304 -6.40 -1.64 -3.98
C ALA A 304 -7.39 -1.00 -3.03
N VAL A 305 -6.91 -0.54 -1.87
CA VAL A 305 -7.71 0.17 -0.88
C VAL A 305 -6.86 1.27 -0.24
N CYS A 306 -7.52 2.34 0.21
CA CYS A 306 -6.81 3.46 0.86
CA CYS A 306 -6.80 3.38 0.95
C CYS A 306 -7.76 4.25 1.75
N TRP A 307 -7.51 4.30 3.07
CA TRP A 307 -8.28 5.17 3.94
C TRP A 307 -8.00 6.63 3.62
N LYS A 308 -9.01 7.47 3.84
CA LYS A 308 -8.86 8.93 3.89
C LYS A 308 -8.46 9.29 5.32
N SER A 309 -7.16 9.18 5.57
CA SER A 309 -6.55 9.40 6.89
C SER A 309 -7.35 8.66 7.97
N ASP A 310 -7.69 9.30 9.08
CA ASP A 310 -8.34 8.60 10.18
CA ASP A 310 -8.35 8.64 10.20
C ASP A 310 -9.87 8.67 10.11
N SER A 311 -10.42 9.07 8.97
CA SER A 311 -11.86 9.19 8.78
C SER A 311 -12.45 7.83 8.39
N PRO A 312 -13.78 7.71 8.46
CA PRO A 312 -14.43 6.48 7.98
C PRO A 312 -14.54 6.36 6.46
N THR A 313 -14.01 7.30 5.70
CA THR A 313 -14.05 7.26 4.23
C THR A 313 -12.84 6.52 3.67
N MET A 314 -13.07 5.78 2.58
CA MET A 314 -12.05 4.91 1.98
CA MET A 314 -11.97 5.05 1.96
C MET A 314 -12.19 4.92 0.47
N LEU A 315 -11.07 4.86 -0.25
CA LEU A 315 -11.05 4.54 -1.65
C LEU A 315 -10.83 3.04 -1.83
N THR A 316 -11.47 2.48 -2.85
CA THR A 316 -11.34 1.07 -3.18
C THR A 316 -11.36 0.90 -4.69
N ALA A 317 -10.69 -0.15 -5.17
CA ALA A 317 -10.72 -0.47 -6.58
C ALA A 317 -10.57 -1.97 -6.75
N ASN A 318 -11.04 -2.49 -7.89
CA ASN A 318 -10.98 -3.93 -8.09
C ASN A 318 -10.37 -4.25 -9.46
N SER A 319 -10.34 -5.55 -9.76
CA SER A 319 -9.60 -6.06 -10.91
C SER A 319 -10.31 -5.75 -12.22
N GLN A 320 -11.53 -5.26 -12.17
CA GLN A 320 -12.23 -4.76 -13.35
C GLN A 320 -11.90 -3.30 -13.61
N GLY A 321 -11.23 -2.63 -12.69
CA GLY A 321 -10.90 -1.23 -12.85
C GLY A 321 -11.94 -0.26 -12.31
N THR A 322 -12.99 -0.78 -11.69
CA THR A 322 -13.98 0.06 -11.01
C THR A 322 -13.40 0.63 -9.72
N ILE A 323 -13.67 1.91 -9.50
CA ILE A 323 -13.28 2.63 -8.29
C ILE A 323 -14.54 2.98 -7.51
N LYS A 324 -14.53 2.72 -6.21
CA LYS A 324 -15.63 3.15 -5.36
C LYS A 324 -15.09 3.92 -4.16
N VAL A 325 -15.84 4.96 -3.79
CA VAL A 325 -15.63 5.67 -2.52
C VAL A 325 -16.63 5.09 -1.53
N LEU A 326 -16.13 4.55 -0.43
CA LEU A 326 -16.95 3.91 0.59
C LEU A 326 -16.82 4.70 1.88
N VAL A 327 -17.85 4.64 2.72
CA VAL A 327 -17.80 5.27 4.04
CA VAL A 327 -17.79 5.27 4.04
C VAL A 327 -18.41 4.32 5.05
N LEU A 328 -17.70 4.09 6.15
CA LEU A 328 -18.26 3.32 7.26
C LEU A 328 -19.46 4.06 7.81
N ALA A 329 -20.52 3.31 8.13
CA ALA A 329 -21.73 3.95 8.63
C ALA A 329 -22.40 3.04 9.66
N ALA A 330 -23.15 3.65 10.57
CA ALA A 330 -23.92 2.94 11.58
C ALA A 330 -24.88 1.94 10.94
N LEU B 3 -0.92 -10.49 -13.66
CA LEU B 3 -2.06 -11.17 -13.06
C LEU B 3 -2.08 -10.92 -11.55
N LEU B 4 -1.09 -10.17 -11.07
CA LEU B 4 -1.03 -9.67 -9.68
C LEU B 4 -0.91 -10.81 -8.67
N MET B 5 -0.05 -11.77 -8.99
CA MET B 5 0.17 -12.91 -8.12
C MET B 5 1.36 -12.68 -7.19
N VAL B 6 1.15 -12.94 -5.90
CA VAL B 6 2.19 -12.69 -4.90
C VAL B 6 3.24 -13.78 -4.97
N PRO B 7 4.51 -13.46 -5.06
CA PRO B 7 5.54 -14.51 -5.06
C PRO B 7 5.66 -15.20 -3.71
N ASP B 8 6.11 -16.45 -3.74
CA ASP B 8 6.24 -17.21 -2.51
C ASP B 8 7.42 -18.17 -2.59
N MET B 9 8.37 -18.00 -1.68
CA MET B 9 9.62 -18.77 -1.76
C MET B 9 9.38 -20.27 -1.58
N TYR B 10 8.33 -20.65 -0.90
CA TYR B 10 8.07 -22.06 -0.66
C TYR B 10 7.40 -22.65 -1.91
C1 MLI C . -2.77 14.21 -20.55
C2 MLI C . -2.39 15.23 -19.48
C3 MLI C . -4.29 14.12 -20.69
O6 MLI C . -1.24 15.76 -19.55
O7 MLI C . -3.23 15.53 -18.56
O8 MLI C . -4.85 14.62 -21.70
O9 MLI C . -4.96 13.55 -19.80
H11 MLI C . -2.43 13.33 -20.29
H12 MLI C . -2.38 14.47 -21.39
C1 MLI D . -0.65 -17.52 15.06
C2 MLI D . -2.01 -17.56 14.36
C3 MLI D . 0.11 -18.86 15.00
O6 MLI D . -2.90 -16.71 14.71
O7 MLI D . -2.25 -18.41 13.46
O8 MLI D . 1.30 -18.90 14.61
O9 MLI D . -0.44 -19.92 15.34
H11 MLI D . -0.10 -16.84 14.62
H12 MLI D . -0.77 -17.29 15.99
C1 GOL E . 11.68 1.29 16.16
O1 GOL E . 10.31 1.03 16.00
C2 GOL E . 12.15 0.92 17.58
O2 GOL E . 11.61 -0.23 18.08
C3 GOL E . 13.69 0.91 17.50
O3 GOL E . 14.19 0.09 18.54
H11 GOL E . 11.88 2.22 16.00
H12 GOL E . 12.21 0.79 15.52
HO1 GOL E . 9.93 1.26 16.72
H2 GOL E . 11.84 1.60 18.20
H31 GOL E . 14.01 1.83 17.55
H32 GOL E . 13.95 0.61 16.61
HO3 GOL E . 14.08 -0.72 18.27
#